data_1LTZ
#
_entry.id   1LTZ
#
_cell.length_a   46.700
_cell.length_b   67.860
_cell.length_c   91.470
_cell.angle_alpha   90.00
_cell.angle_beta   90.00
_cell.angle_gamma   90.00
#
_symmetry.space_group_name_H-M   'P 21 21 21'
#
loop_
_entity.id
_entity.type
_entity.pdbx_description
1 polymer PHENYLALANINE-4-HYDROXYLASE
2 non-polymer 'FE (III) ION'
3 non-polymer 'CHLORIDE ION'
4 non-polymer 7,8-DIHYDROBIOPTERIN
5 water water
#
_entity_poly.entity_id   1
_entity_poly.type   'polypeptide(L)'
_entity_poly.pdbx_seq_one_letter_code
;MNDRADFVVPDITTRKNVGLSHDANDFTLPQPLDRYSAEDHATWATLYQRQCKLLPGRACDEFLEGLERLEVDADRVPDF
NKLNEKLMAATGWKIVAVPGLIPDDVFFEHLANRRFPVTWWLREPHQLDYLQEPDVFHDLFGHVPLLINPVFADYLEAYG
KGGVKAKALGALPMLARLYWYTVEFGLINTPAGMRIYGAGILSSKSESIYCLDSASPNRVGFDLMRIMNTRYRIDTFQKT
YFVIDSFKQLFDATAPDFAPLYLQLADAQPWGAGDIAPDDLVLNAGDHQGWADTEDV
;
_entity_poly.pdbx_strand_id   A
#
loop_
_chem_comp.id
_chem_comp.type
_chem_comp.name
_chem_comp.formula
CL non-polymer 'CHLORIDE ION' 'Cl -1'
FE non-polymer 'FE (III) ION' 'Fe 3'
HBI non-polymer 7,8-DIHYDROBIOPTERIN 'C9 H13 N5 O3'
#
# COMPACT_ATOMS: atom_id res chain seq x y z
N PHE A 7 -14.76 -16.91 -23.90
CA PHE A 7 -14.84 -15.46 -24.10
C PHE A 7 -15.19 -14.69 -22.82
N VAL A 8 -14.33 -13.76 -22.45
CA VAL A 8 -14.54 -13.12 -21.15
C VAL A 8 -14.33 -11.61 -21.22
N VAL A 9 -14.76 -10.94 -20.14
CA VAL A 9 -14.59 -9.51 -19.96
C VAL A 9 -13.13 -9.26 -19.71
N PRO A 10 -12.39 -8.58 -20.56
CA PRO A 10 -10.96 -8.34 -20.29
C PRO A 10 -10.79 -7.45 -19.06
N ASP A 11 -9.72 -7.64 -18.29
CA ASP A 11 -9.62 -6.71 -17.15
C ASP A 11 -8.94 -5.43 -17.62
N ILE A 12 -8.99 -4.43 -16.76
CA ILE A 12 -8.46 -3.12 -17.18
C ILE A 12 -6.96 -3.20 -17.45
N THR A 13 -6.23 -4.03 -16.72
CA THR A 13 -4.79 -4.20 -16.92
C THR A 13 -4.50 -4.60 -18.36
N THR A 14 -5.26 -5.59 -18.85
CA THR A 14 -5.07 -6.03 -20.25
C THR A 14 -5.36 -4.97 -21.29
N ARG A 15 -6.49 -4.27 -21.17
CA ARG A 15 -6.86 -3.23 -22.12
C ARG A 15 -5.85 -2.07 -22.12
N LYS A 16 -5.37 -1.65 -20.94
CA LYS A 16 -4.48 -0.49 -20.90
C LYS A 16 -3.13 -0.81 -21.54
N ASN A 17 -2.72 -2.07 -21.41
CA ASN A 17 -1.36 -2.41 -21.83
C ASN A 17 -1.32 -2.91 -23.26
N VAL A 18 -2.37 -2.78 -24.10
CA VAL A 18 -2.21 -3.34 -25.45
C VAL A 18 -1.14 -2.58 -26.21
N GLY A 19 -0.28 -3.30 -26.94
CA GLY A 19 0.83 -2.77 -27.69
C GLY A 19 2.05 -2.40 -26.87
N LEU A 20 1.93 -2.68 -25.57
CA LEU A 20 3.00 -2.37 -24.64
C LEU A 20 3.69 -3.63 -24.10
N SER A 21 5.01 -3.52 -23.96
CA SER A 21 5.83 -4.61 -23.47
C SER A 21 6.24 -4.35 -22.02
N HIS A 22 6.75 -5.37 -21.37
CA HIS A 22 7.34 -5.24 -20.04
C HIS A 22 8.53 -6.20 -19.91
N ASP A 23 9.41 -5.85 -18.98
CA ASP A 23 10.60 -6.68 -18.81
C ASP A 23 10.20 -8.07 -18.31
N ALA A 24 10.72 -9.11 -18.97
CA ALA A 24 10.49 -10.50 -18.66
C ALA A 24 10.96 -10.84 -17.25
N ASN A 25 11.97 -10.15 -16.75
CA ASN A 25 12.42 -10.51 -15.39
C ASN A 25 11.83 -9.66 -14.29
N ASP A 26 11.84 -8.35 -14.44
CA ASP A 26 11.45 -7.49 -13.30
C ASP A 26 10.13 -6.76 -13.57
N PHE A 27 9.47 -7.00 -14.68
CA PHE A 27 8.14 -6.51 -15.01
C PHE A 27 8.09 -4.99 -15.20
N THR A 28 9.22 -4.28 -15.31
CA THR A 28 9.15 -2.85 -15.55
C THR A 28 9.04 -2.48 -17.03
N LEU A 29 8.58 -1.24 -17.26
CA LEU A 29 8.55 -0.63 -18.56
C LEU A 29 8.74 0.87 -18.38
N PRO A 30 9.16 1.59 -19.41
CA PRO A 30 9.19 3.05 -19.31
C PRO A 30 7.77 3.57 -19.16
N GLN A 31 7.55 4.62 -18.38
CA GLN A 31 6.19 5.12 -18.17
C GLN A 31 5.61 5.62 -19.49
N PRO A 32 4.49 5.07 -19.96
CA PRO A 32 3.93 5.53 -21.23
C PRO A 32 3.12 6.84 -21.16
N LEU A 33 3.84 7.96 -21.09
CA LEU A 33 3.25 9.28 -20.97
C LEU A 33 2.25 9.57 -22.07
N ASP A 34 2.49 9.09 -23.29
CA ASP A 34 1.56 9.45 -24.37
C ASP A 34 0.18 8.83 -24.25
N ARG A 35 -0.01 7.88 -23.35
CA ARG A 35 -1.31 7.21 -23.21
C ARG A 35 -2.23 7.82 -22.17
N TYR A 36 -1.81 8.86 -21.46
CA TYR A 36 -2.84 9.51 -20.61
C TYR A 36 -3.62 10.51 -21.45
N SER A 37 -4.94 10.46 -21.37
CA SER A 37 -5.83 11.40 -22.02
C SER A 37 -6.08 12.64 -21.16
N ALA A 38 -6.70 13.66 -21.76
CA ALA A 38 -7.21 14.81 -21.02
C ALA A 38 -8.12 14.33 -19.90
N GLU A 39 -8.93 13.32 -20.20
CA GLU A 39 -9.87 12.78 -19.23
C GLU A 39 -9.16 12.20 -18.02
N ASP A 40 -8.04 11.52 -18.30
CA ASP A 40 -7.22 10.94 -17.21
C ASP A 40 -6.66 12.03 -16.29
N HIS A 41 -6.16 13.13 -16.85
CA HIS A 41 -5.63 14.17 -16.00
C HIS A 41 -6.79 14.77 -15.21
N ALA A 42 -8.00 14.86 -15.74
CA ALA A 42 -9.12 15.36 -14.95
C ALA A 42 -9.50 14.38 -13.83
N THR A 43 -9.49 13.10 -14.12
CA THR A 43 -9.76 12.07 -13.10
C THR A 43 -8.76 12.19 -11.97
N TRP A 44 -7.48 12.28 -12.32
CA TRP A 44 -6.45 12.47 -11.30
C TRP A 44 -6.79 13.69 -10.43
N ALA A 45 -7.01 14.86 -11.01
CA ALA A 45 -7.23 16.06 -10.21
C ALA A 45 -8.40 15.92 -9.26
N THR A 46 -9.48 15.27 -9.74
CA THR A 46 -10.67 15.04 -8.93
C THR A 46 -10.37 14.17 -7.73
N LEU A 47 -9.61 13.08 -7.92
CA LEU A 47 -9.22 12.17 -6.85
C LEU A 47 -8.34 12.85 -5.83
N TYR A 48 -7.37 13.59 -6.36
CA TYR A 48 -6.43 14.28 -5.50
C TYR A 48 -7.18 15.26 -4.60
N GLN A 49 -8.05 16.09 -5.21
CA GLN A 49 -8.70 17.17 -4.45
C GLN A 49 -9.60 16.57 -3.37
N ARG A 50 -10.30 15.51 -3.74
CA ARG A 50 -11.19 14.86 -2.78
C ARG A 50 -10.44 14.30 -1.59
N GLN A 51 -9.35 13.60 -1.80
CA GLN A 51 -8.59 13.00 -0.70
C GLN A 51 -7.98 14.10 0.17
N CYS A 52 -7.51 15.16 -0.47
CA CYS A 52 -6.85 16.19 0.34
C CYS A 52 -7.84 16.95 1.23
N LYS A 53 -9.15 16.91 0.95
CA LYS A 53 -10.13 17.49 1.89
C LYS A 53 -10.45 16.51 3.01
N LEU A 54 -10.27 15.22 2.79
CA LEU A 54 -10.62 14.26 3.82
C LEU A 54 -9.53 13.97 4.82
N LEU A 55 -8.29 14.14 4.32
CA LEU A 55 -7.27 13.65 5.24
C LEU A 55 -6.88 14.57 6.35
N PRO A 56 -7.13 15.87 6.43
CA PRO A 56 -6.88 16.55 7.72
C PRO A 56 -7.59 15.90 8.87
N GLY A 57 -6.96 15.62 10.00
CA GLY A 57 -7.62 14.94 11.12
C GLY A 57 -7.58 13.45 11.07
N ARG A 58 -7.11 12.92 9.91
CA ARG A 58 -7.22 11.51 9.62
C ARG A 58 -5.88 10.90 9.25
N ALA A 59 -5.22 11.45 8.24
CA ALA A 59 -3.89 10.94 7.87
C ALA A 59 -2.85 11.33 8.92
N CYS A 60 -1.89 10.43 9.13
CA CYS A 60 -0.77 10.76 10.01
C CYS A 60 0.00 11.92 9.40
N ASP A 61 0.63 12.68 10.30
CA ASP A 61 1.39 13.85 9.88
C ASP A 61 2.47 13.50 8.84
N GLU A 62 3.11 12.36 8.98
CA GLU A 62 4.21 11.99 8.07
C GLU A 62 3.74 11.85 6.62
N PHE A 63 2.54 11.32 6.42
CA PHE A 63 1.96 11.23 5.10
C PHE A 63 1.77 12.59 4.49
N LEU A 64 1.13 13.47 5.27
CA LEU A 64 0.87 14.81 4.77
C LEU A 64 2.16 15.54 4.44
N GLU A 65 3.19 15.33 5.21
CA GLU A 65 4.52 15.92 4.96
C GLU A 65 5.15 15.41 3.68
N GLY A 66 5.00 14.12 3.43
CA GLY A 66 5.53 13.57 2.18
C GLY A 66 4.90 14.12 0.93
N LEU A 67 3.57 14.30 0.99
CA LEU A 67 2.89 14.83 -0.19
C LEU A 67 3.45 16.19 -0.57
N GLU A 68 3.75 16.95 0.48
CA GLU A 68 4.20 18.32 0.26
C GLU A 68 5.64 18.37 -0.21
N ARG A 69 6.44 17.59 0.50
CA ARG A 69 7.88 17.58 0.22
C ARG A 69 8.15 17.03 -1.16
N LEU A 70 7.42 15.99 -1.58
CA LEU A 70 7.56 15.44 -2.93
C LEU A 70 6.84 16.24 -4.01
N GLU A 71 5.92 17.11 -3.64
CA GLU A 71 5.19 17.90 -4.62
C GLU A 71 4.49 17.06 -5.67
N VAL A 72 3.82 16.04 -5.11
CA VAL A 72 3.04 15.17 -5.97
C VAL A 72 2.03 16.03 -6.74
N ASP A 73 2.00 15.90 -8.06
CA ASP A 73 1.20 16.81 -8.87
C ASP A 73 -0.28 16.76 -8.48
N ALA A 74 -0.96 17.91 -8.36
CA ALA A 74 -2.36 17.98 -8.06
C ALA A 74 -3.26 17.93 -9.29
N ASP A 75 -2.72 18.23 -10.47
CA ASP A 75 -3.58 18.54 -11.60
C ASP A 75 -3.41 17.60 -12.78
N ARG A 76 -2.52 16.63 -12.69
CA ARG A 76 -2.10 15.79 -13.81
C ARG A 76 -1.47 14.49 -13.30
N VAL A 77 -1.54 13.41 -14.07
CA VAL A 77 -0.82 12.21 -13.67
C VAL A 77 0.68 12.56 -13.63
N PRO A 78 1.34 12.33 -12.50
CA PRO A 78 2.73 12.71 -12.44
C PRO A 78 3.65 11.99 -13.45
N ASP A 79 4.67 12.74 -13.90
CA ASP A 79 5.83 12.18 -14.56
C ASP A 79 6.75 11.50 -13.54
N PHE A 80 6.88 10.18 -13.66
CA PHE A 80 7.67 9.42 -12.67
C PHE A 80 9.12 9.85 -12.67
N ASN A 81 9.72 10.18 -13.81
CA ASN A 81 11.12 10.58 -13.78
C ASN A 81 11.34 11.86 -12.98
N LYS A 82 10.43 12.80 -13.15
CA LYS A 82 10.50 14.06 -12.42
C LYS A 82 10.31 13.80 -10.93
N LEU A 83 9.37 12.97 -10.53
CA LEU A 83 9.16 12.65 -9.11
C LEU A 83 10.40 11.99 -8.52
N ASN A 84 11.01 11.06 -9.25
CA ASN A 84 12.18 10.34 -8.80
C ASN A 84 13.34 11.27 -8.48
N GLU A 85 13.44 12.44 -9.11
CA GLU A 85 14.55 13.35 -8.75
C GLU A 85 14.46 13.68 -7.27
N LYS A 86 13.26 14.00 -6.77
CA LYS A 86 12.99 14.38 -5.41
C LYS A 86 12.97 13.19 -4.46
N LEU A 87 12.27 12.12 -4.87
CA LEU A 87 12.22 10.91 -4.06
C LEU A 87 13.60 10.31 -3.81
N MET A 88 14.45 10.23 -4.83
CA MET A 88 15.78 9.68 -4.64
C MET A 88 16.64 10.52 -3.70
N ALA A 89 16.62 11.82 -3.89
CA ALA A 89 17.40 12.71 -3.04
C ALA A 89 16.92 12.65 -1.59
N ALA A 90 15.60 12.58 -1.38
CA ALA A 90 15.08 12.66 -0.02
C ALA A 90 15.11 11.34 0.72
N THR A 91 15.00 10.21 0.03
CA THR A 91 14.79 8.93 0.68
C THR A 91 15.70 7.80 0.17
N GLY A 92 16.38 7.96 -0.96
CA GLY A 92 17.13 6.91 -1.59
C GLY A 92 16.32 5.90 -2.39
N TRP A 93 15.02 6.06 -2.48
CA TRP A 93 14.10 5.21 -3.23
C TRP A 93 13.74 5.79 -4.57
N LYS A 94 13.28 4.97 -5.50
CA LYS A 94 12.74 5.38 -6.77
C LYS A 94 11.48 4.51 -7.07
N ILE A 95 10.62 5.12 -7.88
CA ILE A 95 9.50 4.37 -8.43
C ILE A 95 9.92 3.79 -9.80
N VAL A 96 9.32 2.65 -10.11
CA VAL A 96 9.46 1.99 -11.42
C VAL A 96 8.05 1.68 -11.90
N ALA A 97 7.76 1.91 -13.17
CA ALA A 97 6.46 1.58 -13.76
C ALA A 97 6.31 0.08 -14.01
N VAL A 98 5.16 -0.44 -13.62
CA VAL A 98 4.77 -1.85 -13.85
C VAL A 98 3.41 -1.84 -14.53
N PRO A 99 3.05 -2.89 -15.23
CA PRO A 99 1.77 -2.88 -15.95
C PRO A 99 0.57 -3.06 -15.03
N GLY A 100 0.79 -3.51 -13.81
CA GLY A 100 -0.28 -3.82 -12.86
C GLY A 100 0.32 -4.76 -11.79
N LEU A 101 -0.48 -5.65 -11.23
CA LEU A 101 0.03 -6.62 -10.24
C LEU A 101 1.16 -7.46 -10.81
N ILE A 102 2.24 -7.64 -10.04
CA ILE A 102 3.38 -8.46 -10.49
C ILE A 102 3.59 -9.60 -9.51
N PRO A 103 4.34 -10.63 -9.90
CA PRO A 103 4.55 -11.76 -8.97
C PRO A 103 5.18 -11.31 -7.66
N ASP A 104 4.78 -11.99 -6.58
CA ASP A 104 5.28 -11.69 -5.24
C ASP A 104 6.80 -11.66 -5.20
N ASP A 105 7.50 -12.63 -5.81
CA ASP A 105 8.95 -12.66 -5.72
C ASP A 105 9.58 -11.44 -6.39
N VAL A 106 9.04 -10.99 -7.50
CA VAL A 106 9.46 -9.84 -8.25
C VAL A 106 9.24 -8.57 -7.46
N PHE A 107 8.09 -8.47 -6.83
CA PHE A 107 7.75 -7.40 -5.89
C PHE A 107 8.73 -7.30 -4.73
N PHE A 108 9.01 -8.39 -4.02
CA PHE A 108 9.97 -8.34 -2.94
C PHE A 108 11.36 -7.88 -3.40
N GLU A 109 11.78 -8.33 -4.57
CA GLU A 109 13.11 -8.00 -5.05
C GLU A 109 13.19 -6.50 -5.29
N HIS A 110 12.13 -5.85 -5.78
CA HIS A 110 12.16 -4.40 -5.96
C HIS A 110 12.24 -3.75 -4.58
N LEU A 111 11.40 -4.14 -3.63
CA LEU A 111 11.40 -3.43 -2.33
C LEU A 111 12.76 -3.58 -1.64
N ALA A 112 13.32 -4.79 -1.74
CA ALA A 112 14.62 -5.07 -1.14
C ALA A 112 15.75 -4.17 -1.67
N ASN A 113 15.54 -3.61 -2.86
CA ASN A 113 16.48 -2.72 -3.52
C ASN A 113 15.97 -1.28 -3.64
N ARG A 114 15.03 -0.92 -2.79
CA ARG A 114 14.55 0.44 -2.67
C ARG A 114 13.94 0.92 -3.99
N ARG A 115 13.20 0.02 -4.66
CA ARG A 115 12.40 0.36 -5.84
C ARG A 115 10.95 0.08 -5.47
N PHE A 116 10.05 1.04 -5.70
CA PHE A 116 8.65 0.88 -5.40
C PHE A 116 7.88 0.72 -6.70
N PRO A 117 7.32 -0.45 -6.95
CA PRO A 117 6.56 -0.62 -8.20
C PRO A 117 5.21 0.12 -8.18
N VAL A 118 4.99 0.90 -9.25
CA VAL A 118 3.77 1.68 -9.43
C VAL A 118 3.02 1.29 -10.69
N THR A 119 1.78 0.85 -10.54
CA THR A 119 0.97 0.60 -11.75
C THR A 119 0.84 1.88 -12.56
N TRP A 120 1.14 1.88 -13.86
CA TRP A 120 1.20 3.15 -14.59
C TRP A 120 -0.17 3.73 -14.98
N TRP A 121 -1.17 2.89 -15.21
CA TRP A 121 -2.43 3.38 -15.76
C TRP A 121 -3.35 3.87 -14.64
N LEU A 122 -4.30 4.70 -15.00
CA LEU A 122 -5.31 5.29 -14.13
C LEU A 122 -6.69 4.70 -14.33
N ARG A 123 -7.40 4.51 -13.24
CA ARG A 123 -8.80 4.15 -13.24
C ARG A 123 -9.62 5.04 -14.16
N GLU A 124 -10.68 4.46 -14.68
CA GLU A 124 -11.57 5.16 -15.61
C GLU A 124 -12.60 5.93 -14.79
N PRO A 125 -13.14 7.00 -15.36
CA PRO A 125 -13.96 7.89 -14.56
C PRO A 125 -15.07 7.15 -13.84
N HIS A 126 -15.78 6.16 -14.39
CA HIS A 126 -16.96 5.90 -13.49
C HIS A 126 -16.47 4.91 -12.43
N GLN A 127 -15.16 4.79 -12.25
CA GLN A 127 -14.69 3.70 -11.40
C GLN A 127 -13.72 4.16 -10.31
N LEU A 128 -14.00 5.33 -9.78
CA LEU A 128 -13.14 6.09 -8.88
C LEU A 128 -13.09 5.38 -7.54
N ASP A 129 -13.93 4.35 -7.31
CA ASP A 129 -13.56 3.65 -6.04
C ASP A 129 -13.84 2.17 -6.08
N TYR A 130 -14.16 1.55 -4.97
CA TYR A 130 -14.25 0.12 -4.68
C TYR A 130 -13.16 -0.76 -5.22
N LEU A 131 -12.05 -0.15 -5.54
CA LEU A 131 -11.01 -0.66 -6.43
C LEU A 131 -10.30 -1.74 -5.63
N GLN A 132 -9.75 -2.71 -6.34
CA GLN A 132 -9.07 -3.84 -5.72
C GLN A 132 -7.62 -3.93 -6.20
N GLU A 133 -7.46 -3.80 -7.51
CA GLU A 133 -6.19 -3.75 -8.20
C GLU A 133 -5.65 -2.35 -7.95
N PRO A 134 -4.37 -2.25 -7.67
CA PRO A 134 -3.78 -0.93 -7.67
C PRO A 134 -3.91 -0.23 -9.04
N ASP A 135 -3.94 1.11 -9.04
CA ASP A 135 -3.72 1.96 -10.21
C ASP A 135 -2.73 3.04 -9.80
N VAL A 136 -2.46 4.00 -10.70
CA VAL A 136 -1.43 4.99 -10.44
C VAL A 136 -1.80 5.92 -9.30
N PHE A 137 -3.10 6.25 -9.13
CA PHE A 137 -3.49 7.11 -8.01
C PHE A 137 -3.26 6.36 -6.69
N HIS A 138 -3.73 5.11 -6.58
CA HIS A 138 -3.51 4.41 -5.32
C HIS A 138 -2.02 4.26 -5.03
N ASP A 139 -1.22 3.92 -6.06
CA ASP A 139 0.20 3.64 -5.76
C ASP A 139 0.98 4.92 -5.48
N LEU A 140 0.81 5.92 -6.34
CA LEU A 140 1.61 7.14 -6.22
C LEU A 140 1.08 8.04 -5.11
N PHE A 141 -0.25 8.24 -5.02
CA PHE A 141 -0.78 9.10 -3.94
C PHE A 141 -0.80 8.32 -2.64
N GLY A 142 -1.29 7.07 -2.65
CA GLY A 142 -1.42 6.32 -1.40
C GLY A 142 -0.15 5.85 -0.74
N HIS A 143 0.74 5.24 -1.52
CA HIS A 143 1.92 4.56 -0.98
C HIS A 143 3.17 5.41 -0.90
N VAL A 144 3.50 6.15 -1.98
CA VAL A 144 4.80 6.78 -2.13
C VAL A 144 5.06 7.87 -1.07
N PRO A 145 4.15 8.74 -0.71
CA PRO A 145 4.52 9.83 0.22
C PRO A 145 5.08 9.39 1.56
N LEU A 146 4.68 8.22 2.05
CA LEU A 146 5.12 7.77 3.37
C LEU A 146 6.58 7.38 3.42
N LEU A 147 7.19 7.19 2.24
CA LEU A 147 8.61 6.95 2.20
C LEU A 147 9.41 8.14 2.68
N ILE A 148 8.79 9.32 2.87
CA ILE A 148 9.51 10.44 3.42
C ILE A 148 9.87 10.19 4.88
N ASN A 149 9.26 9.20 5.54
CA ASN A 149 9.63 8.86 6.91
C ASN A 149 10.71 7.79 6.82
N PRO A 150 11.93 8.07 7.22
CA PRO A 150 13.03 7.09 6.99
C PRO A 150 12.84 5.77 7.74
N VAL A 151 12.08 5.77 8.83
CA VAL A 151 11.88 4.52 9.58
C VAL A 151 10.91 3.66 8.81
N PHE A 152 9.85 4.26 8.26
CA PHE A 152 8.94 3.51 7.38
C PHE A 152 9.63 3.04 6.11
N ALA A 153 10.47 3.88 5.48
CA ALA A 153 11.22 3.43 4.31
C ALA A 153 12.08 2.23 4.67
N ASP A 154 12.79 2.27 5.80
CA ASP A 154 13.61 1.15 6.21
C ASP A 154 12.78 -0.11 6.52
N TYR A 155 11.58 0.09 7.07
CA TYR A 155 10.65 -1.03 7.23
C TYR A 155 10.35 -1.70 5.90
N LEU A 156 10.00 -0.91 4.88
CA LEU A 156 9.66 -1.47 3.59
C LEU A 156 10.84 -2.22 2.97
N GLU A 157 12.04 -1.68 3.07
CA GLU A 157 13.24 -2.33 2.52
C GLU A 157 13.48 -3.67 3.23
N ALA A 158 13.34 -3.64 4.56
CA ALA A 158 13.51 -4.85 5.40
C ALA A 158 12.44 -5.88 5.07
N TYR A 159 11.23 -5.44 4.88
CA TYR A 159 10.14 -6.34 4.48
C TYR A 159 10.53 -7.06 3.18
N GLY A 160 10.98 -6.27 2.19
CA GLY A 160 11.38 -6.83 0.92
C GLY A 160 12.51 -7.84 1.04
N LYS A 161 13.54 -7.50 1.79
CA LYS A 161 14.66 -8.43 2.00
C LYS A 161 14.19 -9.73 2.63
N GLY A 162 13.30 -9.67 3.61
CA GLY A 162 12.70 -10.84 4.22
C GLY A 162 11.92 -11.67 3.20
N GLY A 163 11.17 -11.03 2.32
CA GLY A 163 10.41 -11.74 1.29
C GLY A 163 11.32 -12.45 0.31
N VAL A 164 12.41 -11.83 -0.10
CA VAL A 164 13.42 -12.43 -0.98
C VAL A 164 13.91 -13.73 -0.35
N LYS A 165 14.15 -13.73 0.97
CA LYS A 165 14.74 -14.86 1.69
C LYS A 165 13.76 -15.97 2.02
N ALA A 166 12.47 -15.68 1.99
CA ALA A 166 11.50 -16.64 2.49
C ALA A 166 11.36 -17.87 1.59
N LYS A 167 11.38 -19.03 2.23
CA LYS A 167 11.25 -20.28 1.52
C LYS A 167 10.12 -21.17 2.03
N ALA A 168 9.89 -21.21 3.34
CA ALA A 168 8.96 -22.17 3.93
C ALA A 168 7.57 -22.09 3.32
N LEU A 169 7.00 -23.25 3.02
CA LEU A 169 5.62 -23.25 2.60
C LEU A 169 4.70 -22.59 3.61
N GLY A 170 3.87 -21.65 3.13
CA GLY A 170 3.03 -20.84 3.99
C GLY A 170 3.55 -19.44 4.24
N ALA A 171 4.81 -19.18 3.95
CA ALA A 171 5.35 -17.85 4.17
C ALA A 171 4.71 -16.78 3.29
N LEU A 172 4.39 -17.13 2.03
CA LEU A 172 3.81 -16.07 1.17
C LEU A 172 2.50 -15.53 1.67
N PRO A 173 1.50 -16.33 2.02
CA PRO A 173 0.30 -15.75 2.64
C PRO A 173 0.57 -14.99 3.93
N MET A 174 1.48 -15.47 4.75
CA MET A 174 1.81 -14.76 5.99
C MET A 174 2.38 -13.37 5.72
N LEU A 175 3.30 -13.27 4.76
CA LEU A 175 3.87 -11.97 4.37
C LEU A 175 2.84 -11.09 3.68
N ALA A 176 1.93 -11.66 2.92
CA ALA A 176 0.83 -10.87 2.33
C ALA A 176 -0.07 -10.25 3.38
N ARG A 177 -0.41 -11.03 4.41
CA ARG A 177 -1.23 -10.51 5.50
C ARG A 177 -0.49 -9.40 6.24
N LEU A 178 0.82 -9.59 6.51
CA LEU A 178 1.61 -8.56 7.19
C LEU A 178 1.56 -7.26 6.39
N TYR A 179 1.80 -7.35 5.07
CA TYR A 179 1.78 -6.13 4.23
C TYR A 179 0.40 -5.50 4.22
N TRP A 180 -0.64 -6.30 4.10
CA TRP A 180 -2.01 -5.84 4.06
C TRP A 180 -2.37 -5.06 5.34
N TYR A 181 -2.08 -5.67 6.49
CA TYR A 181 -2.52 -5.03 7.74
C TYR A 181 -1.58 -3.95 8.23
N THR A 182 -0.51 -3.65 7.51
CA THR A 182 0.41 -2.55 7.86
C THR A 182 0.40 -1.53 6.72
N VAL A 183 1.15 -1.80 5.68
CA VAL A 183 1.35 -0.89 4.54
C VAL A 183 0.04 -0.56 3.83
N GLU A 184 -0.92 -1.48 3.69
CA GLU A 184 -2.17 -1.18 2.99
C GLU A 184 -3.25 -0.60 3.94
N PHE A 185 -3.46 -1.16 5.12
CA PHE A 185 -4.60 -0.80 5.95
C PHE A 185 -4.24 -0.47 7.41
N GLY A 186 -2.97 -0.07 7.67
CA GLY A 186 -2.60 0.27 9.04
C GLY A 186 -3.06 1.57 9.60
N LEU A 187 -3.27 1.58 10.93
CA LEU A 187 -3.57 2.77 11.72
C LEU A 187 -2.45 3.02 12.71
N ILE A 188 -2.27 4.25 13.17
CA ILE A 188 -1.22 4.60 14.12
C ILE A 188 -1.81 5.48 15.21
N ASN A 189 -1.55 5.13 16.46
CA ASN A 189 -1.90 5.89 17.65
C ASN A 189 -1.03 7.12 17.79
N THR A 190 -1.57 8.31 17.95
CA THR A 190 -0.71 9.47 18.07
C THR A 190 -1.18 10.29 19.26
N PRO A 191 -0.36 11.19 19.77
CA PRO A 191 -0.82 11.99 20.91
C PRO A 191 -2.05 12.84 20.59
N ALA A 192 -2.36 13.09 19.32
CA ALA A 192 -3.49 13.91 18.91
C ALA A 192 -4.69 13.04 18.53
N GLY A 193 -4.50 11.73 18.71
CA GLY A 193 -5.53 10.77 18.41
C GLY A 193 -5.16 9.73 17.36
N MET A 194 -6.07 8.80 17.09
CA MET A 194 -5.79 7.74 16.10
C MET A 194 -5.72 8.36 14.71
N ARG A 195 -4.77 7.94 13.91
CA ARG A 195 -4.51 8.40 12.54
C ARG A 195 -4.26 7.21 11.59
N ILE A 196 -4.17 7.48 10.29
CA ILE A 196 -4.02 6.49 9.23
C ILE A 196 -2.65 6.47 8.58
N TYR A 197 -2.07 5.29 8.33
CA TYR A 197 -0.87 5.26 7.46
C TYR A 197 -1.07 4.30 6.28
N GLY A 198 -2.08 3.43 6.24
CA GLY A 198 -2.20 2.46 5.16
C GLY A 198 -2.64 3.09 3.85
N ALA A 199 -1.97 2.74 2.76
CA ALA A 199 -2.15 3.29 1.44
C ALA A 199 -3.53 2.98 0.85
N GLY A 200 -4.05 1.80 1.13
CA GLY A 200 -5.37 1.38 0.67
C GLY A 200 -6.49 2.16 1.33
N ILE A 201 -6.20 2.75 2.48
CA ILE A 201 -7.10 3.68 3.12
C ILE A 201 -6.93 5.10 2.57
N LEU A 202 -5.67 5.55 2.51
CA LEU A 202 -5.39 6.93 2.16
C LEU A 202 -5.81 7.30 0.75
N SER A 203 -5.85 6.34 -0.17
CA SER A 203 -6.29 6.68 -1.54
C SER A 203 -7.80 6.47 -1.75
N SER A 204 -8.55 6.03 -0.74
CA SER A 204 -9.97 5.68 -0.82
C SER A 204 -10.81 6.65 0.02
N LYS A 205 -11.78 7.28 -0.60
CA LYS A 205 -12.74 8.12 0.14
C LYS A 205 -13.45 7.35 1.23
N SER A 206 -14.03 6.20 0.89
CA SER A 206 -14.88 5.46 1.80
C SER A 206 -14.07 4.89 2.97
N GLU A 207 -12.93 4.26 2.72
CA GLU A 207 -12.12 3.69 3.81
C GLU A 207 -11.56 4.77 4.73
N SER A 208 -11.17 5.91 4.14
CA SER A 208 -10.61 6.98 5.00
C SER A 208 -11.60 7.42 6.04
N ILE A 209 -12.91 7.49 5.68
CA ILE A 209 -13.94 7.89 6.64
C ILE A 209 -14.22 6.75 7.63
N TYR A 210 -14.47 5.57 7.05
CA TYR A 210 -14.94 4.43 7.85
C TYR A 210 -13.97 4.01 8.93
N CYS A 211 -12.66 3.95 8.61
CA CYS A 211 -11.72 3.35 9.54
C CYS A 211 -11.56 4.08 10.87
N LEU A 212 -11.90 5.37 10.90
CA LEU A 212 -11.84 6.16 12.12
C LEU A 212 -13.23 6.49 12.67
N ASP A 213 -14.31 6.18 11.97
CA ASP A 213 -15.69 6.57 12.38
C ASP A 213 -16.66 5.42 12.12
N SER A 214 -16.49 4.33 12.83
CA SER A 214 -17.43 3.21 12.76
C SER A 214 -17.26 2.35 14.02
N ALA A 215 -18.36 1.90 14.62
CA ALA A 215 -18.24 1.03 15.81
C ALA A 215 -18.04 -0.44 15.43
N SER A 216 -18.37 -0.83 14.23
CA SER A 216 -18.30 -2.27 13.92
C SER A 216 -16.94 -2.92 13.91
N PRO A 217 -15.93 -2.33 13.30
CA PRO A 217 -14.65 -3.06 13.22
C PRO A 217 -13.93 -3.10 14.56
N ASN A 218 -13.09 -4.11 14.66
CA ASN A 218 -12.19 -4.20 15.78
C ASN A 218 -10.94 -3.36 15.50
N ARG A 219 -10.39 -2.71 16.49
CA ARG A 219 -9.13 -1.98 16.37
C ARG A 219 -8.23 -2.59 17.44
N VAL A 220 -7.20 -3.26 16.97
CA VAL A 220 -6.35 -4.15 17.75
C VAL A 220 -4.91 -3.71 17.74
N GLY A 221 -4.24 -3.80 18.88
CA GLY A 221 -2.84 -3.37 18.89
C GLY A 221 -2.02 -4.28 18.00
N PHE A 222 -1.05 -3.69 17.32
CA PHE A 222 -0.14 -4.45 16.48
C PHE A 222 0.49 -5.63 17.23
N ASP A 223 0.51 -6.77 16.52
CA ASP A 223 1.12 -7.98 17.08
C ASP A 223 1.52 -8.82 15.88
N LEU A 224 2.81 -9.01 15.70
CA LEU A 224 3.32 -9.61 14.46
C LEU A 224 2.76 -11.01 14.20
N MET A 225 2.87 -11.86 15.22
CA MET A 225 2.48 -13.24 15.00
C MET A 225 0.96 -13.37 14.79
N ARG A 226 0.18 -12.60 15.48
CA ARG A 226 -1.25 -12.45 15.32
C ARG A 226 -1.56 -12.10 13.86
N ILE A 227 -0.98 -11.01 13.38
CA ILE A 227 -1.25 -10.51 12.04
C ILE A 227 -0.90 -11.52 10.96
N MET A 228 0.25 -12.17 11.08
CA MET A 228 0.65 -13.13 10.03
C MET A 228 -0.30 -14.32 9.96
N ASN A 229 -1.07 -14.54 11.02
CA ASN A 229 -2.05 -15.59 11.09
C ASN A 229 -3.48 -15.07 11.01
N THR A 230 -3.66 -13.88 10.43
CA THR A 230 -5.01 -13.34 10.26
C THR A 230 -5.41 -13.16 8.80
N ARG A 231 -6.56 -13.75 8.43
CA ARG A 231 -7.10 -13.62 7.07
C ARG A 231 -7.57 -12.18 6.86
N TYR A 232 -7.68 -11.80 5.58
CA TYR A 232 -8.22 -10.53 5.17
C TYR A 232 -9.13 -10.75 3.96
N ARG A 233 -9.94 -9.75 3.74
CA ARG A 233 -10.88 -9.67 2.63
C ARG A 233 -10.59 -8.46 1.75
N ILE A 234 -10.74 -8.70 0.46
CA ILE A 234 -10.54 -7.63 -0.52
C ILE A 234 -11.80 -6.91 -0.95
N ASP A 235 -12.98 -7.47 -0.83
CA ASP A 235 -14.13 -6.85 -1.53
C ASP A 235 -15.05 -6.04 -0.65
N THR A 236 -14.64 -5.85 0.61
CA THR A 236 -15.44 -5.18 1.61
C THR A 236 -14.56 -4.24 2.46
N PHE A 237 -15.22 -3.38 3.22
CA PHE A 237 -14.54 -2.65 4.29
C PHE A 237 -13.82 -3.58 5.24
N GLN A 238 -12.72 -3.16 5.87
CA GLN A 238 -12.02 -4.10 6.74
C GLN A 238 -12.81 -4.39 8.01
N LYS A 239 -12.66 -5.58 8.56
CA LYS A 239 -13.33 -5.98 9.78
C LYS A 239 -12.43 -5.80 11.01
N THR A 240 -11.13 -5.75 10.81
CA THR A 240 -10.15 -5.50 11.87
C THR A 240 -9.11 -4.56 11.27
N TYR A 241 -8.68 -3.58 12.05
CA TYR A 241 -7.55 -2.72 11.73
C TYR A 241 -6.53 -2.93 12.86
N PHE A 242 -5.25 -3.03 12.51
CA PHE A 242 -4.19 -3.14 13.49
C PHE A 242 -3.49 -1.80 13.67
N VAL A 243 -3.25 -1.45 14.90
CA VAL A 243 -2.80 -0.11 15.33
C VAL A 243 -1.40 -0.15 15.90
N ILE A 244 -0.47 0.57 15.28
CA ILE A 244 0.89 0.67 15.78
C ILE A 244 0.98 1.90 16.68
N ASP A 245 1.99 1.88 17.55
CA ASP A 245 2.27 3.06 18.37
C ASP A 245 3.29 3.96 17.71
N SER A 246 4.10 3.41 16.81
CA SER A 246 5.17 4.17 16.21
C SER A 246 5.69 3.43 14.97
N PHE A 247 6.31 4.12 14.03
CA PHE A 247 6.93 3.39 12.93
C PHE A 247 8.13 2.61 13.41
N LYS A 248 8.79 3.03 14.47
CA LYS A 248 9.89 2.21 15.05
C LYS A 248 9.41 0.85 15.47
N GLN A 249 8.21 0.78 16.08
CA GLN A 249 7.69 -0.53 16.45
C GLN A 249 7.55 -1.47 15.25
N LEU A 250 7.13 -0.93 14.11
CA LEU A 250 7.01 -1.65 12.87
C LEU A 250 8.36 -2.16 12.38
N PHE A 251 9.27 -1.19 12.28
CA PHE A 251 10.62 -1.59 11.91
C PHE A 251 11.19 -2.64 12.87
N ASP A 252 11.06 -2.44 14.17
CA ASP A 252 11.73 -3.34 15.13
C ASP A 252 11.13 -4.74 14.99
N ALA A 253 9.89 -4.81 14.47
CA ALA A 253 9.26 -6.09 14.17
C ALA A 253 9.97 -6.83 13.02
N ASP A 257 14.76 -12.56 12.15
CA ASP A 257 14.66 -13.58 11.09
C ASP A 257 13.30 -14.26 11.19
N PHE A 258 12.49 -14.28 10.13
CA PHE A 258 11.14 -14.74 10.19
C PHE A 258 11.06 -16.25 10.01
N ALA A 259 12.18 -16.88 9.62
CA ALA A 259 12.15 -18.31 9.31
C ALA A 259 11.52 -19.14 10.40
N PRO A 260 11.91 -19.01 11.67
CA PRO A 260 11.24 -19.81 12.71
C PRO A 260 9.77 -19.45 12.87
N LEU A 261 9.37 -18.24 12.52
CA LEU A 261 7.99 -17.79 12.71
C LEU A 261 7.09 -18.50 11.71
N TYR A 262 7.58 -18.62 10.47
CA TYR A 262 6.75 -19.31 9.49
C TYR A 262 6.46 -20.74 9.93
N LEU A 263 7.47 -21.37 10.54
CA LEU A 263 7.29 -22.74 10.99
C LEU A 263 6.35 -22.86 12.18
N GLN A 264 6.40 -21.93 13.10
CA GLN A 264 5.51 -21.91 14.26
C GLN A 264 4.07 -21.76 13.80
N LEU A 265 3.82 -20.95 12.75
CA LEU A 265 2.48 -20.68 12.34
C LEU A 265 1.97 -21.62 11.24
N ALA A 266 2.83 -22.43 10.66
CA ALA A 266 2.49 -23.18 9.47
C ALA A 266 1.26 -24.04 9.67
N ASP A 267 1.11 -24.67 10.81
CA ASP A 267 -0.04 -25.57 10.96
C ASP A 267 -1.21 -24.96 11.71
N ALA A 268 -1.04 -23.69 12.01
CA ALA A 268 -2.01 -22.91 12.76
C ALA A 268 -3.28 -22.64 11.99
N GLN A 269 -4.43 -22.71 12.65
CA GLN A 269 -5.65 -22.23 11.99
C GLN A 269 -5.66 -20.71 11.92
N PRO A 270 -5.76 -20.07 10.76
CA PRO A 270 -5.81 -18.61 10.77
C PRO A 270 -7.04 -18.02 11.46
N TRP A 271 -6.90 -16.86 12.09
CA TRP A 271 -8.01 -16.07 12.59
C TRP A 271 -8.79 -15.58 11.39
N GLY A 272 -10.11 -15.54 11.56
CA GLY A 272 -10.97 -14.88 10.59
C GLY A 272 -10.77 -13.36 10.66
N ALA A 273 -11.09 -12.68 9.57
CA ALA A 273 -10.92 -11.24 9.44
C ALA A 273 -11.68 -10.51 10.53
N GLY A 274 -12.75 -11.05 11.11
CA GLY A 274 -13.47 -10.41 12.19
C GLY A 274 -13.26 -10.88 13.60
N ASP A 275 -12.33 -11.77 13.83
CA ASP A 275 -12.17 -12.40 15.14
C ASP A 275 -11.39 -11.54 16.12
N ILE A 276 -11.56 -11.82 17.42
CA ILE A 276 -10.77 -11.25 18.48
C ILE A 276 -10.04 -12.42 19.16
N ALA A 277 -8.73 -12.33 19.27
CA ALA A 277 -7.88 -13.37 19.84
C ALA A 277 -7.68 -13.13 21.32
N PRO A 278 -7.50 -14.17 22.12
CA PRO A 278 -7.38 -13.96 23.58
C PRO A 278 -6.26 -13.02 24.03
N ASP A 279 -5.14 -12.92 23.32
CA ASP A 279 -4.08 -12.04 23.77
C ASP A 279 -4.14 -10.67 23.15
N ASP A 280 -5.13 -10.36 22.35
CA ASP A 280 -5.27 -9.02 21.78
C ASP A 280 -5.48 -7.92 22.83
N LEU A 281 -5.02 -6.72 22.58
CA LEU A 281 -5.39 -5.49 23.27
C LEU A 281 -6.27 -4.75 22.26
N VAL A 282 -7.48 -4.46 22.67
CA VAL A 282 -8.54 -3.94 21.80
C VAL A 282 -8.96 -2.56 22.28
N LEU A 283 -9.26 -1.65 21.36
CA LEU A 283 -9.72 -0.31 21.73
C LEU A 283 -11.17 -0.23 22.18
FE FE B . -1.42 -0.99 -2.39
CL CL C . 12.08 -19.56 5.36
N1 HBI D . 2.39 -6.05 -7.29
N2 HBI D . 2.34 -4.07 -8.58
C2 HBI D . 2.19 -4.72 -7.40
N3 HBI D . 1.78 -3.97 -6.31
C4 HBI D . 1.51 -4.53 -5.11
O4 HBI D . 1.06 -3.86 -4.15
C4A HBI D . 1.68 -5.95 -4.93
C8A HBI D . 2.15 -6.66 -6.10
N8 HBI D . 2.37 -8.00 -5.97
C7 HBI D . 2.50 -8.57 -4.69
C6 HBI D . 1.63 -8.00 -3.62
N5 HBI D . 1.29 -6.60 -3.77
C9 HBI D . 0.99 -8.74 -2.43
O9 HBI D . 0.37 -9.97 -2.93
C10 HBI D . 1.96 -9.14 -1.32
O10 HBI D . 2.88 -10.14 -1.87
C11 HBI D . 2.75 -7.95 -0.85
#